data_3PRH
#
_entry.id   3PRH
#
_cell.length_a   49.258
_cell.length_b   119.816
_cell.length_c   127.353
_cell.angle_alpha   90.00
_cell.angle_beta   90.00
_cell.angle_gamma   90.00
#
_symmetry.space_group_name_H-M   'P 21 21 21'
#
_entity_poly.entity_id   1
_entity_poly.type   'polypeptide(L)'
_entity_poly.pdbx_seq_one_letter_code
;MHHHHHHGKPIPNPLLGLDSTENLYFQGIDPFTMKQTIFSGIQPSGSVTLGNYIGAMKQFVELQHDYNSYFCIVDQHAIT
VPQDRLELRKNIRNLAALYLAVGLDPEKATLFIQSEVPAHAQAGWMMQCVAYIGELERMTQFKDKSKGNEAVVSGLLTYP
PLMAADILLYGTDLVPPGEDQKQHLELTRNLAERFNKKYNDIFTIPEVKIPKVGARIMSLNDPLKKMSKSDPNQKAYITL
LDEPKQLEKKIKSAVTDSEGIVKFDKENKPGVSNLLTIYSILGNTTIEELEAKYEGKGYGEFKGDLAEVVVNALKPIQDR
YYELIESEELDRILDEGAERANRTANKMLKKMENAMGLGRKRQGRAQIRLLTKPERKLSWLLPPLSNN
;
_entity_poly.pdbx_strand_id   A,B
#
# COMPACT_ATOMS: atom_id res chain seq x y z
N LYS A 35 23.52 1.21 19.45
CA LYS A 35 23.21 2.65 19.23
C LYS A 35 22.60 2.76 17.84
N GLN A 36 23.33 2.27 16.85
CA GLN A 36 22.86 2.30 15.47
C GLN A 36 21.92 1.12 15.19
N THR A 37 20.93 1.34 14.32
CA THR A 37 20.01 0.28 13.96
C THR A 37 20.18 -0.04 12.49
N ILE A 38 20.19 -1.35 12.20
CA ILE A 38 20.31 -1.87 10.83
C ILE A 38 19.00 -2.51 10.41
N PHE A 39 18.60 -2.29 9.17
CA PHE A 39 17.43 -2.94 8.67
C PHE A 39 17.79 -3.84 7.51
N SER A 40 17.59 -5.14 7.70
CA SER A 40 17.93 -6.12 6.69
C SER A 40 16.65 -6.71 6.15
N GLY A 41 16.39 -6.47 4.88
CA GLY A 41 15.17 -6.96 4.24
C GLY A 41 15.46 -8.24 3.49
N ILE A 42 14.88 -9.35 3.92
CA ILE A 42 15.34 -10.65 3.44
C ILE A 42 14.23 -11.45 2.74
N GLN A 43 14.50 -11.79 1.49
CA GLN A 43 13.50 -12.40 0.61
C GLN A 43 13.27 -13.89 0.92
N PRO A 44 12.00 -14.32 1.04
CA PRO A 44 11.66 -15.72 1.22
C PRO A 44 11.62 -16.46 -0.13
N SER A 45 12.77 -17.00 -0.54
CA SER A 45 12.97 -17.53 -1.87
C SER A 45 13.14 -19.04 -1.95
N GLY A 46 13.04 -19.70 -0.81
CA GLY A 46 12.92 -21.12 -0.80
C GLY A 46 14.15 -21.95 -0.55
N SER A 47 15.33 -21.39 -0.72
CA SER A 47 16.53 -22.14 -0.33
C SER A 47 17.78 -21.28 -0.31
N VAL A 48 18.59 -21.49 0.72
CA VAL A 48 19.70 -20.62 1.06
C VAL A 48 20.99 -21.35 0.85
N THR A 49 21.87 -20.79 0.03
CA THR A 49 23.15 -21.42 -0.23
C THR A 49 24.17 -21.08 0.85
N LEU A 50 25.31 -21.76 0.79
CA LEU A 50 26.41 -21.50 1.71
C LEU A 50 26.93 -20.09 1.54
N GLY A 51 26.99 -19.64 0.28
CA GLY A 51 27.44 -18.28 -0.06
C GLY A 51 26.64 -17.23 0.68
N ASN A 52 25.36 -17.48 0.89
CA ASN A 52 24.50 -16.56 1.63
C ASN A 52 24.76 -16.56 3.13
N TYR A 53 24.87 -17.74 3.73
CA TYR A 53 25.11 -17.81 5.16
C TYR A 53 26.36 -16.99 5.45
N ILE A 54 27.44 -17.27 4.72
CA ILE A 54 28.74 -16.62 4.93
C ILE A 54 28.76 -15.17 4.46
N GLY A 55 28.10 -14.89 3.34
CA GLY A 55 27.93 -13.53 2.86
C GLY A 55 27.11 -12.66 3.80
N ALA A 56 25.79 -12.79 3.75
CA ALA A 56 24.88 -11.88 4.46
C ALA A 56 24.52 -12.34 5.88
N MET A 57 23.93 -13.53 5.97
CA MET A 57 23.30 -13.99 7.20
C MET A 57 24.23 -13.96 8.38
N LYS A 58 25.34 -14.65 8.25
CA LYS A 58 26.29 -14.79 9.35
C LYS A 58 26.81 -13.43 9.77
N GLN A 59 27.20 -12.64 8.80
CA GLN A 59 27.81 -11.37 9.10
C GLN A 59 26.86 -10.46 9.83
N PHE A 60 25.61 -10.40 9.37
CA PHE A 60 24.67 -9.45 9.91
C PHE A 60 23.91 -9.93 11.15
N VAL A 61 23.91 -11.23 11.40
CA VAL A 61 23.40 -11.79 12.61
C VAL A 61 24.44 -11.67 13.72
N GLU A 62 25.68 -11.38 13.32
CA GLU A 62 26.76 -11.14 14.28
C GLU A 62 26.74 -9.72 14.83
N LEU A 63 26.27 -8.78 14.02
CA LEU A 63 26.13 -7.38 14.41
C LEU A 63 24.93 -7.22 15.33
N GLN A 64 24.25 -8.32 15.57
CA GLN A 64 23.16 -8.42 16.50
C GLN A 64 23.35 -7.67 17.83
N HIS A 65 24.44 -7.91 18.56
CA HIS A 65 24.62 -7.30 19.88
C HIS A 65 25.11 -5.82 19.85
N ASP A 66 25.87 -5.45 18.81
CA ASP A 66 26.36 -4.08 18.71
C ASP A 66 25.43 -3.15 17.94
N TYR A 67 24.26 -3.63 17.57
CA TYR A 67 23.31 -2.85 16.76
C TYR A 67 21.93 -3.33 17.08
N ASN A 68 20.96 -2.44 17.03
CA ASN A 68 19.58 -2.86 17.07
C ASN A 68 19.26 -3.18 15.63
N SER A 69 19.03 -4.46 15.37
CA SER A 69 19.01 -4.93 14.01
C SER A 69 17.68 -5.61 13.71
N TYR A 70 17.10 -5.24 12.57
CA TYR A 70 15.85 -5.80 12.14
C TYR A 70 16.10 -6.72 10.97
N PHE A 71 15.44 -7.87 11.00
CA PHE A 71 15.39 -8.80 9.87
C PHE A 71 13.95 -9.00 9.51
N CYS A 72 13.58 -8.44 8.36
CA CYS A 72 12.20 -8.42 7.92
C CYS A 72 12.02 -9.35 6.73
N ILE A 73 11.15 -10.35 6.86
CA ILE A 73 10.85 -11.28 5.76
C ILE A 73 9.88 -10.60 4.83
N VAL A 74 10.38 -10.16 3.68
CA VAL A 74 9.64 -9.27 2.77
C VAL A 74 8.71 -10.03 1.79
N ASP A 75 7.70 -10.71 2.32
CA ASP A 75 6.69 -11.45 1.52
C ASP A 75 5.90 -10.56 0.58
N GLN A 76 5.71 -9.29 0.91
CA GLN A 76 4.99 -8.40 0.00
C GLN A 76 5.86 -7.95 -1.15
N HIS A 77 7.19 -8.09 -1.03
CA HIS A 77 8.06 -7.88 -2.20
C HIS A 77 8.06 -9.14 -3.03
N ALA A 78 7.97 -10.29 -2.38
CA ALA A 78 7.90 -11.59 -3.06
C ALA A 78 6.78 -11.67 -4.09
N ILE A 79 5.60 -11.16 -3.76
CA ILE A 79 4.47 -11.22 -4.69
C ILE A 79 4.59 -10.29 -5.90
N THR A 80 5.72 -9.59 -6.09
CA THR A 80 5.92 -8.83 -7.34
C THR A 80 6.26 -9.74 -8.53
N VAL A 81 6.60 -10.98 -8.23
CA VAL A 81 6.94 -11.96 -9.25
C VAL A 81 6.01 -13.13 -8.97
N PRO A 82 5.85 -14.04 -9.95
CA PRO A 82 4.92 -15.16 -9.74
C PRO A 82 5.32 -16.05 -8.56
N GLN A 83 4.33 -16.70 -7.98
CA GLN A 83 4.54 -17.53 -6.81
C GLN A 83 3.45 -18.58 -6.72
N ASP A 84 3.75 -19.65 -6.02
CA ASP A 84 2.77 -20.59 -5.59
C ASP A 84 2.48 -20.26 -4.12
N ARG A 85 1.22 -20.08 -3.76
CA ARG A 85 0.88 -19.70 -2.38
C ARG A 85 1.35 -20.74 -1.35
N LEU A 86 1.48 -21.99 -1.79
CA LEU A 86 1.96 -23.07 -0.93
C LEU A 86 3.46 -22.96 -0.63
N GLU A 87 4.28 -22.79 -1.67
CA GLU A 87 5.72 -22.75 -1.46
C GLU A 87 6.16 -21.43 -0.77
N LEU A 88 5.51 -20.32 -1.12
CA LEU A 88 5.68 -19.03 -0.43
C LEU A 88 5.41 -19.11 1.09
N ARG A 89 4.24 -19.58 1.46
CA ARG A 89 3.99 -19.82 2.87
C ARG A 89 5.13 -20.64 3.48
N LYS A 90 5.58 -21.65 2.76
CA LYS A 90 6.59 -22.61 3.25
C LYS A 90 7.92 -21.93 3.43
N ASN A 91 8.35 -21.21 2.40
CA ASN A 91 9.59 -20.46 2.43
C ASN A 91 9.66 -19.44 3.53
N ILE A 92 8.55 -18.77 3.78
CA ILE A 92 8.45 -17.79 4.85
C ILE A 92 8.90 -18.43 6.18
N ARG A 93 8.27 -19.54 6.57
CA ARG A 93 8.69 -20.28 7.77
C ARG A 93 10.15 -20.70 7.70
N ASN A 94 10.49 -21.31 6.57
CA ASN A 94 11.82 -21.86 6.30
C ASN A 94 12.88 -20.82 6.64
N LEU A 95 12.69 -19.61 6.12
CA LEU A 95 13.63 -18.53 6.33
C LEU A 95 13.68 -18.11 7.78
N ALA A 96 12.52 -17.92 8.39
CA ALA A 96 12.44 -17.61 9.80
C ALA A 96 13.24 -18.63 10.56
N ALA A 97 13.01 -19.91 10.28
CA ALA A 97 13.62 -21.00 11.01
C ALA A 97 15.14 -21.01 10.83
N LEU A 98 15.58 -20.74 9.60
CA LEU A 98 17.00 -20.73 9.29
C LEU A 98 17.74 -19.66 10.05
N TYR A 99 17.17 -18.46 10.13
CA TYR A 99 17.85 -17.33 10.80
C TYR A 99 18.02 -17.62 12.28
N LEU A 100 16.94 -18.08 12.90
CA LEU A 100 17.06 -18.54 14.26
C LEU A 100 18.14 -19.64 14.35
N ALA A 101 18.06 -20.59 13.43
CA ALA A 101 18.96 -21.75 13.45
C ALA A 101 20.44 -21.33 13.35
N VAL A 102 20.68 -20.11 12.91
CA VAL A 102 22.00 -19.63 12.61
C VAL A 102 22.56 -18.73 13.74
N GLY A 103 21.73 -18.49 14.75
CA GLY A 103 22.16 -17.77 15.95
C GLY A 103 21.49 -16.43 16.21
N LEU A 104 20.45 -16.11 15.43
CA LEU A 104 19.67 -14.88 15.64
C LEU A 104 18.92 -14.94 16.96
N ASP A 105 19.07 -13.89 17.76
CA ASP A 105 18.56 -13.88 19.12
C ASP A 105 17.27 -13.07 19.15
N PRO A 106 16.13 -13.76 19.28
CA PRO A 106 14.87 -13.03 19.24
C PRO A 106 14.76 -11.97 20.33
N GLU A 107 15.63 -12.03 21.33
CA GLU A 107 15.63 -11.08 22.43
C GLU A 107 16.49 -9.87 22.13
N LYS A 108 17.28 -9.93 21.07
CA LYS A 108 18.17 -8.82 20.72
C LYS A 108 17.92 -8.27 19.33
N ALA A 109 17.35 -9.11 18.48
CA ALA A 109 17.00 -8.72 17.11
C ALA A 109 15.52 -8.91 16.93
N THR A 110 14.96 -8.13 16.02
CA THR A 110 13.56 -8.26 15.69
C THR A 110 13.46 -9.00 14.36
N LEU A 111 12.88 -10.19 14.42
CA LEU A 111 12.63 -11.01 13.26
C LEU A 111 11.11 -11.01 13.04
N PHE A 112 10.68 -10.63 11.84
CA PHE A 112 9.24 -10.54 11.59
C PHE A 112 8.89 -10.60 10.12
N ILE A 113 7.59 -10.78 9.86
CA ILE A 113 7.09 -10.84 8.49
C ILE A 113 6.47 -9.49 8.09
N GLN A 114 6.84 -9.00 6.92
CA GLN A 114 6.48 -7.66 6.43
C GLN A 114 4.95 -7.41 6.44
N SER A 115 4.23 -8.30 5.77
CA SER A 115 2.76 -8.25 5.69
C SER A 115 2.07 -8.23 7.06
N GLU A 116 2.76 -8.71 8.10
CA GLU A 116 2.18 -8.79 9.44
C GLU A 116 2.40 -7.50 10.23
N VAL A 117 2.78 -6.43 9.52
CA VAL A 117 2.93 -5.11 10.10
C VAL A 117 2.38 -4.16 9.04
N PRO A 118 1.09 -3.80 9.13
CA PRO A 118 0.41 -3.01 8.11
C PRO A 118 1.04 -1.68 7.73
N ALA A 119 1.77 -1.06 8.66
CA ALA A 119 2.37 0.25 8.41
C ALA A 119 3.20 0.23 7.12
N HIS A 120 3.83 -0.89 6.82
CA HIS A 120 4.60 -0.96 5.60
C HIS A 120 3.75 -0.57 4.37
N ALA A 121 2.58 -1.19 4.23
CA ALA A 121 1.66 -0.89 3.11
C ALA A 121 1.22 0.57 3.15
N GLN A 122 0.96 1.04 4.36
CA GLN A 122 0.40 2.39 4.55
C GLN A 122 1.43 3.43 4.17
N ALA A 123 2.59 3.37 4.82
CA ALA A 123 3.71 4.26 4.52
C ALA A 123 4.15 4.13 3.07
N GLY A 124 4.22 2.90 2.59
CA GLY A 124 4.55 2.66 1.20
C GLY A 124 3.65 3.43 0.26
N TRP A 125 2.34 3.44 0.54
CA TRP A 125 1.42 4.17 -0.31
C TRP A 125 1.77 5.65 -0.24
N MET A 126 1.96 6.16 0.96
CA MET A 126 2.40 7.55 1.12
C MET A 126 3.66 7.85 0.32
N MET A 127 4.65 6.96 0.38
CA MET A 127 5.86 7.16 -0.41
C MET A 127 5.62 7.12 -1.94
N GLN A 128 4.55 6.46 -2.39
CA GLN A 128 4.20 6.47 -3.83
C GLN A 128 3.74 7.87 -4.20
N CYS A 129 3.14 8.57 -3.26
CA CYS A 129 2.71 9.93 -3.51
C CYS A 129 3.85 10.96 -3.41
N VAL A 130 5.05 10.50 -3.06
CA VAL A 130 6.25 11.33 -3.15
C VAL A 130 7.14 10.97 -4.35
N ALA A 131 7.23 9.69 -4.68
CA ALA A 131 8.07 9.25 -5.79
C ALA A 131 7.48 9.60 -7.17
N TYR A 132 8.33 10.05 -8.09
CA TYR A 132 7.92 10.26 -9.48
C TYR A 132 8.09 8.97 -10.30
N ILE A 133 7.37 8.88 -11.40
CA ILE A 133 7.40 7.67 -12.27
C ILE A 133 8.75 7.43 -12.97
N GLY A 134 9.43 8.53 -13.32
CA GLY A 134 10.72 8.46 -14.01
C GLY A 134 11.80 7.71 -13.24
N GLU A 135 12.20 8.25 -12.09
CA GLU A 135 13.15 7.56 -11.22
C GLU A 135 12.82 6.08 -11.02
N LEU A 136 11.53 5.73 -10.93
CA LEU A 136 11.09 4.32 -10.92
C LEU A 136 11.26 3.66 -12.30
N GLU A 137 10.90 4.36 -13.38
CA GLU A 137 11.08 3.84 -14.75
C GLU A 137 12.54 3.57 -15.14
N ARG A 138 13.48 4.11 -14.36
CA ARG A 138 14.94 3.98 -14.62
C ARG A 138 15.64 2.83 -13.86
N MET A 139 15.02 1.65 -13.79
CA MET A 139 15.57 0.54 -12.99
C MET A 139 15.28 -0.86 -13.60
N THR A 140 14.06 -1.05 -14.07
CA THR A 140 13.59 -2.35 -14.57
C THR A 140 13.50 -2.41 -16.10
N ALA A 151 3.29 -5.97 -21.27
CA ALA A 151 2.79 -5.34 -20.04
C ALA A 151 3.19 -6.18 -18.80
N VAL A 152 3.91 -5.51 -17.89
CA VAL A 152 4.41 -6.13 -16.68
C VAL A 152 3.56 -5.73 -15.47
N VAL A 153 3.57 -6.58 -14.45
CA VAL A 153 2.84 -6.32 -13.21
C VAL A 153 3.31 -5.02 -12.53
N SER A 154 2.35 -4.27 -11.99
CA SER A 154 2.60 -2.90 -11.53
C SER A 154 3.52 -2.80 -10.28
N GLY A 155 3.39 -3.77 -9.38
CA GLY A 155 4.10 -3.74 -8.11
C GLY A 155 5.56 -4.07 -8.27
N LEU A 156 5.92 -4.53 -9.47
CA LEU A 156 7.31 -4.80 -9.82
C LEU A 156 8.06 -3.51 -10.21
N LEU A 157 7.34 -2.52 -10.72
CA LEU A 157 7.91 -1.22 -11.02
C LEU A 157 7.79 -0.29 -9.83
N THR A 158 6.73 -0.48 -9.04
CA THR A 158 6.40 0.45 -7.97
C THR A 158 6.74 -0.04 -6.56
N TYR A 159 7.51 -1.12 -6.41
CA TYR A 159 7.93 -1.58 -5.08
C TYR A 159 9.02 -0.72 -4.40
N PRO A 160 9.87 -0.01 -5.16
CA PRO A 160 10.97 0.72 -4.49
C PRO A 160 10.54 1.72 -3.40
N PRO A 161 9.51 2.54 -3.66
CA PRO A 161 8.96 3.32 -2.55
C PRO A 161 8.49 2.48 -1.36
N LEU A 162 8.06 1.25 -1.57
CA LEU A 162 7.72 0.38 -0.46
C LEU A 162 8.97 -0.09 0.24
N MET A 163 10.06 -0.23 -0.51
CA MET A 163 11.34 -0.60 0.09
C MET A 163 11.88 0.55 0.96
N ALA A 164 11.77 1.75 0.41
CA ALA A 164 12.00 2.97 1.13
C ALA A 164 11.20 2.98 2.44
N ALA A 165 9.90 2.77 2.33
CA ALA A 165 9.03 2.74 3.50
C ALA A 165 9.53 1.71 4.50
N ASP A 166 9.98 0.57 4.02
CA ASP A 166 10.37 -0.48 4.91
C ASP A 166 11.45 0.01 5.83
N ILE A 167 12.43 0.68 5.25
CA ILE A 167 13.64 1.07 5.97
C ILE A 167 13.39 2.28 6.81
N LEU A 168 12.87 3.33 6.19
CA LEU A 168 12.67 4.62 6.86
C LEU A 168 11.76 4.50 8.05
N LEU A 169 10.83 3.54 7.99
CA LEU A 169 9.87 3.29 9.08
C LEU A 169 10.52 3.08 10.46
N TYR A 170 11.73 2.53 10.48
CA TYR A 170 12.38 2.17 11.74
C TYR A 170 13.49 3.15 12.18
N GLY A 171 13.62 4.27 11.46
CA GLY A 171 14.71 5.20 11.71
C GLY A 171 16.04 4.49 11.50
N THR A 172 16.10 3.68 10.45
CA THR A 172 17.26 2.85 10.18
C THR A 172 18.40 3.78 9.94
N ASP A 173 19.55 3.45 10.51
CA ASP A 173 20.80 4.16 10.23
C ASP A 173 21.56 3.51 9.07
N LEU A 174 21.60 2.19 9.07
CA LEU A 174 22.40 1.44 8.08
C LEU A 174 21.64 0.26 7.47
N VAL A 175 22.03 -0.08 6.25
CA VAL A 175 21.44 -1.18 5.50
C VAL A 175 22.57 -2.08 4.95
N PRO A 176 22.34 -3.39 4.84
CA PRO A 176 23.23 -4.26 4.08
C PRO A 176 23.37 -3.88 2.61
N PRO A 177 24.52 -4.20 2.02
CA PRO A 177 24.64 -4.16 0.57
C PRO A 177 23.97 -5.40 0.02
N GLY A 178 23.35 -5.28 -1.15
CA GLY A 178 22.85 -6.45 -1.85
C GLY A 178 23.44 -6.43 -3.23
N GLU A 179 23.03 -7.36 -4.09
CA GLU A 179 23.54 -7.38 -5.46
C GLU A 179 23.29 -6.05 -6.19
N ASP A 180 22.02 -5.71 -6.43
CA ASP A 180 21.66 -4.45 -7.12
C ASP A 180 20.88 -3.50 -6.20
N GLN A 181 21.31 -3.41 -4.95
CA GLN A 181 20.67 -2.53 -3.97
C GLN A 181 21.22 -1.11 -4.00
N LYS A 182 22.27 -0.87 -4.79
CA LYS A 182 22.91 0.46 -4.88
C LYS A 182 21.95 1.52 -5.41
N GLN A 183 21.37 1.22 -6.57
CA GLN A 183 20.40 2.12 -7.22
C GLN A 183 19.12 2.22 -6.40
N HIS A 184 18.79 1.14 -5.69
CA HIS A 184 17.63 1.10 -4.81
C HIS A 184 17.82 2.05 -3.63
N LEU A 185 18.99 1.96 -2.99
CA LEU A 185 19.29 2.78 -1.81
C LEU A 185 19.35 4.25 -2.18
N GLU A 186 19.86 4.54 -3.37
CA GLU A 186 19.96 5.94 -3.79
C GLU A 186 18.58 6.59 -3.83
N LEU A 187 17.61 5.88 -4.42
CA LEU A 187 16.23 6.33 -4.42
C LEU A 187 15.67 6.50 -3.02
N THR A 188 15.98 5.58 -2.10
CA THR A 188 15.42 5.67 -0.74
C THR A 188 15.86 6.97 -0.09
N ARG A 189 17.17 7.24 -0.18
CA ARG A 189 17.77 8.49 0.31
C ARG A 189 17.11 9.73 -0.30
N ASN A 190 16.84 9.71 -1.59
CA ASN A 190 16.11 10.83 -2.20
C ASN A 190 14.74 11.03 -1.57
N LEU A 191 13.95 9.96 -1.54
CA LEU A 191 12.61 10.02 -0.98
C LEU A 191 12.64 10.46 0.49
N ALA A 192 13.63 9.98 1.24
CA ALA A 192 13.79 10.38 2.63
C ALA A 192 13.98 11.91 2.70
N GLU A 193 14.97 12.39 1.96
CA GLU A 193 15.31 13.82 1.96
C GLU A 193 14.19 14.68 1.37
N ARG A 194 13.65 14.26 0.23
CA ARG A 194 12.51 14.94 -0.38
C ARG A 194 11.33 15.16 0.58
N PHE A 195 11.10 14.19 1.46
CA PHE A 195 9.96 14.21 2.38
C PHE A 195 10.27 14.97 3.66
N ASN A 196 11.51 14.83 4.14
CA ASN A 196 11.98 15.59 5.29
C ASN A 196 11.82 17.09 5.03
N LYS A 197 12.12 17.46 3.79
CA LYS A 197 12.16 18.82 3.36
C LYS A 197 10.76 19.35 3.24
N LYS A 198 9.94 18.60 2.52
CA LYS A 198 8.65 19.11 2.08
C LYS A 198 7.55 19.07 3.15
N TYR A 199 7.54 18.06 4.01
CA TYR A 199 6.47 17.90 5.01
C TYR A 199 7.02 18.27 6.38
N ASN A 200 7.58 17.31 7.11
CA ASN A 200 8.37 17.58 8.32
C ASN A 200 9.68 16.84 8.19
N ASP A 201 10.55 17.01 9.18
CA ASP A 201 11.83 16.35 9.16
C ASP A 201 11.82 15.24 10.20
N ILE A 202 11.60 14.02 9.72
CA ILE A 202 11.41 12.85 10.59
C ILE A 202 12.26 11.63 10.19
N PHE A 203 12.63 11.51 8.92
CA PHE A 203 13.41 10.36 8.45
C PHE A 203 14.92 10.55 8.61
N THR A 204 15.60 9.57 9.23
CA THR A 204 17.06 9.55 9.20
C THR A 204 17.49 9.07 7.81
N ILE A 205 18.57 9.62 7.29
CA ILE A 205 19.08 9.22 5.96
C ILE A 205 20.07 8.07 6.13
N PRO A 206 19.72 6.90 5.56
CA PRO A 206 20.51 5.68 5.74
C PRO A 206 21.75 5.54 4.85
N GLU A 207 22.62 4.63 5.25
CA GLU A 207 23.92 4.41 4.61
C GLU A 207 24.17 2.93 4.45
N VAL A 208 24.84 2.53 3.39
CA VAL A 208 25.22 1.12 3.30
C VAL A 208 26.38 0.83 4.26
N LYS A 209 26.21 -0.14 5.13
CA LYS A 209 27.29 -0.61 6.00
C LYS A 209 27.98 -1.81 5.34
N ILE A 210 29.31 -1.76 5.20
CA ILE A 210 30.08 -2.90 4.68
C ILE A 210 30.60 -3.81 5.81
N PRO A 211 30.25 -5.10 5.75
CA PRO A 211 30.62 -6.03 6.83
C PRO A 211 32.10 -6.44 6.78
N LYS A 212 32.53 -7.22 7.76
CA LYS A 212 33.95 -7.56 7.90
C LYS A 212 34.35 -8.45 6.71
N VAL A 213 34.79 -7.79 5.65
CA VAL A 213 35.17 -8.43 4.39
C VAL A 213 34.46 -9.76 4.15
N GLY A 214 33.15 -9.70 3.94
CA GLY A 214 32.42 -10.90 3.54
C GLY A 214 33.09 -11.56 2.34
N ALA A 215 33.34 -12.86 2.44
CA ALA A 215 33.92 -13.59 1.33
C ALA A 215 32.81 -13.85 0.33
N ARG A 216 33.11 -13.67 -0.96
CA ARG A 216 32.19 -14.12 -2.01
C ARG A 216 32.51 -15.56 -2.28
N ILE A 217 31.51 -16.42 -2.13
CA ILE A 217 31.70 -17.83 -2.29
C ILE A 217 31.21 -18.24 -3.67
N MET A 218 32.03 -19.02 -4.34
CA MET A 218 31.82 -19.37 -5.74
C MET A 218 31.26 -20.79 -5.88
N SER A 219 30.90 -21.17 -7.11
CA SER A 219 30.45 -22.54 -7.38
C SER A 219 31.55 -23.53 -7.08
N LEU A 220 31.11 -24.73 -6.69
CA LEU A 220 31.98 -25.88 -6.58
C LEU A 220 32.33 -26.36 -7.99
N ASN A 221 31.56 -25.88 -8.94
CA ASN A 221 31.43 -26.48 -10.25
C ASN A 221 32.13 -25.66 -11.34
N ASP A 222 31.74 -24.39 -11.45
CA ASP A 222 32.47 -23.40 -12.22
C ASP A 222 32.84 -22.30 -11.26
N PRO A 223 34.11 -22.25 -10.86
CA PRO A 223 34.59 -21.27 -9.87
C PRO A 223 34.58 -19.78 -10.26
N LEU A 224 34.38 -19.46 -11.53
CA LEU A 224 34.22 -18.05 -11.93
C LEU A 224 32.79 -17.58 -11.67
N LYS A 225 31.84 -18.51 -11.63
CA LYS A 225 30.47 -18.13 -11.32
C LYS A 225 30.35 -17.95 -9.81
N LYS A 226 29.29 -17.24 -9.40
CA LYS A 226 28.96 -17.05 -8.01
C LYS A 226 28.10 -18.26 -7.65
N MET A 227 28.07 -18.66 -6.37
CA MET A 227 27.24 -19.79 -5.95
C MET A 227 25.76 -19.41 -6.07
N SER A 228 24.96 -20.29 -6.66
CA SER A 228 23.56 -19.97 -6.91
C SER A 228 22.67 -21.21 -6.92
N LYS A 229 21.54 -21.09 -6.20
CA LYS A 229 20.56 -22.18 -6.03
C LYS A 229 19.87 -22.54 -7.36
N SER A 230 19.79 -21.55 -8.24
CA SER A 230 19.17 -21.72 -9.55
C SER A 230 20.05 -22.48 -10.56
N ASP A 231 21.31 -22.72 -10.23
CA ASP A 231 22.19 -23.49 -11.10
C ASP A 231 21.52 -24.83 -11.35
N PRO A 232 21.50 -25.30 -12.61
CA PRO A 232 20.81 -26.56 -12.96
C PRO A 232 21.53 -27.85 -12.53
N ASN A 233 22.75 -27.71 -12.01
CA ASN A 233 23.55 -28.83 -11.53
C ASN A 233 23.61 -28.70 -10.03
N GLN A 234 22.96 -29.58 -9.29
CA GLN A 234 22.95 -29.43 -7.83
C GLN A 234 24.34 -29.64 -7.18
N LYS A 235 25.33 -30.09 -7.96
CA LYS A 235 26.69 -30.20 -7.46
C LYS A 235 27.32 -28.83 -7.17
N ALA A 236 26.89 -27.80 -7.89
CA ALA A 236 27.55 -26.50 -7.88
C ALA A 236 27.28 -25.71 -6.60
N TYR A 237 26.18 -26.01 -5.93
CA TYR A 237 25.84 -25.26 -4.73
C TYR A 237 25.62 -26.18 -3.55
N ILE A 238 25.72 -25.59 -2.37
CA ILE A 238 25.45 -26.25 -1.11
C ILE A 238 24.46 -25.41 -0.35
N THR A 239 23.41 -26.03 0.14
CA THR A 239 22.42 -25.33 0.92
C THR A 239 22.52 -25.86 2.33
N LEU A 240 22.26 -24.98 3.28
CA LEU A 240 22.35 -25.30 4.71
C LEU A 240 21.58 -26.57 5.15
N LEU A 241 20.56 -27.00 4.40
CA LEU A 241 19.81 -28.21 4.78
C LEU A 241 20.22 -29.49 4.02
N ASP A 242 21.24 -29.40 3.16
CA ASP A 242 21.86 -30.59 2.58
C ASP A 242 22.31 -31.54 3.67
N GLU A 243 22.03 -32.82 3.47
CA GLU A 243 22.40 -33.84 4.45
C GLU A 243 23.90 -34.07 4.38
N PRO A 244 24.50 -34.50 5.50
CA PRO A 244 25.94 -34.72 5.54
C PRO A 244 26.42 -35.57 4.36
N LYS A 245 25.57 -36.48 3.95
CA LYS A 245 25.86 -37.38 2.86
C LYS A 245 25.95 -36.66 1.52
N GLN A 246 25.03 -35.73 1.26
CA GLN A 246 25.08 -34.94 0.04
C GLN A 246 26.15 -33.87 0.17
N LEU A 247 26.34 -33.36 1.38
CA LEU A 247 27.45 -32.45 1.63
C LEU A 247 28.77 -33.09 1.23
N GLU A 248 28.94 -34.33 1.67
CA GLU A 248 30.16 -35.03 1.42
C GLU A 248 30.37 -35.28 -0.09
N LYS A 249 29.31 -35.66 -0.76
CA LYS A 249 29.40 -36.04 -2.14
C LYS A 249 29.82 -34.86 -3.00
N LYS A 250 29.29 -33.69 -2.67
CA LYS A 250 29.45 -32.47 -3.46
C LYS A 250 30.84 -31.87 -3.35
N ILE A 251 31.39 -31.98 -2.16
CA ILE A 251 32.70 -31.43 -1.85
C ILE A 251 33.78 -32.21 -2.54
N LYS A 252 33.68 -33.54 -2.52
CA LYS A 252 34.67 -34.41 -3.16
C LYS A 252 34.73 -34.16 -4.65
N SER A 253 33.61 -33.75 -5.24
CA SER A 253 33.58 -33.61 -6.68
C SER A 253 33.64 -32.14 -7.10
N ALA A 254 34.05 -31.27 -6.17
CA ALA A 254 34.20 -29.84 -6.46
C ALA A 254 35.40 -29.64 -7.35
N VAL A 255 35.29 -28.70 -8.28
CA VAL A 255 36.34 -28.49 -9.28
C VAL A 255 37.60 -27.90 -8.66
N THR A 256 38.75 -28.41 -9.11
CA THR A 256 40.06 -28.01 -8.60
C THR A 256 41.01 -27.64 -9.77
N ASP A 257 42.29 -27.97 -9.64
CA ASP A 257 43.32 -27.68 -10.65
C ASP A 257 43.95 -29.03 -11.00
N SER A 258 45.03 -29.02 -11.78
CA SER A 258 45.89 -30.21 -11.97
C SER A 258 47.25 -30.10 -11.28
N GLU A 259 47.38 -29.19 -10.31
CA GLU A 259 48.66 -29.03 -9.61
C GLU A 259 48.82 -30.03 -8.48
N GLY A 260 47.85 -30.09 -7.58
CA GLY A 260 47.97 -30.90 -6.37
C GLY A 260 48.71 -30.16 -5.27
N ILE A 261 48.66 -28.84 -5.33
CA ILE A 261 49.18 -28.01 -4.26
C ILE A 261 47.98 -27.30 -3.64
N VAL A 262 47.80 -27.45 -2.34
CA VAL A 262 46.82 -26.63 -1.64
C VAL A 262 47.45 -25.27 -1.34
N LYS A 263 47.29 -24.33 -2.27
CA LYS A 263 47.89 -22.99 -2.22
C LYS A 263 46.89 -21.97 -2.76
N PHE A 264 46.64 -20.90 -2.01
CA PHE A 264 45.60 -19.95 -2.39
C PHE A 264 46.15 -18.90 -3.35
N ASP A 265 45.72 -18.91 -4.59
CA ASP A 265 45.74 -17.67 -5.39
C ASP A 265 44.52 -17.64 -6.29
N LYS A 266 43.84 -16.50 -6.27
CA LYS A 266 42.48 -16.41 -6.75
C LYS A 266 42.37 -16.53 -8.25
N GLU A 267 43.29 -15.89 -8.96
CA GLU A 267 43.19 -15.79 -10.41
C GLU A 267 43.59 -17.10 -11.10
N ASN A 268 44.60 -17.79 -10.60
CA ASN A 268 45.08 -19.01 -11.24
C ASN A 268 44.53 -20.30 -10.66
N LYS A 269 44.11 -20.27 -9.40
CA LYS A 269 43.61 -21.45 -8.71
C LYS A 269 42.28 -21.18 -8.01
N PRO A 270 41.24 -20.91 -8.80
CA PRO A 270 39.97 -20.42 -8.26
C PRO A 270 39.16 -21.49 -7.51
N GLY A 271 39.11 -22.71 -8.06
CA GLY A 271 38.46 -23.82 -7.41
C GLY A 271 38.99 -24.00 -6.00
N VAL A 272 40.31 -24.14 -5.90
CA VAL A 272 41.01 -24.48 -4.65
C VAL A 272 40.93 -23.36 -3.61
N SER A 273 41.13 -22.12 -4.06
CA SER A 273 41.06 -20.96 -3.17
C SER A 273 39.63 -20.67 -2.66
N ASN A 274 38.62 -21.03 -3.45
CA ASN A 274 37.23 -20.97 -3.00
C ASN A 274 37.04 -21.93 -1.84
N LEU A 275 37.52 -23.16 -2.02
CA LEU A 275 37.42 -24.18 -0.98
C LEU A 275 38.20 -23.80 0.26
N LEU A 276 39.41 -23.26 0.06
CA LEU A 276 40.20 -22.74 1.19
C LEU A 276 39.43 -21.65 1.95
N THR A 277 38.87 -20.69 1.21
CA THR A 277 38.02 -19.67 1.83
C THR A 277 36.88 -20.30 2.66
N ILE A 278 36.21 -21.33 2.10
CA ILE A 278 35.16 -22.07 2.83
C ILE A 278 35.71 -22.78 4.06
N TYR A 279 36.85 -23.43 3.91
CA TYR A 279 37.52 -24.08 5.04
C TYR A 279 37.91 -23.02 6.09
N SER A 280 38.35 -21.85 5.65
CA SER A 280 38.78 -20.82 6.59
C SER A 280 37.64 -20.40 7.52
N ILE A 281 36.52 -20.07 6.90
CA ILE A 281 35.39 -19.45 7.59
C ILE A 281 34.62 -20.45 8.46
N LEU A 282 34.27 -21.60 7.91
CA LEU A 282 33.62 -22.64 8.72
C LEU A 282 34.65 -23.28 9.64
N GLY A 283 35.93 -23.14 9.30
CA GLY A 283 37.01 -23.73 10.08
C GLY A 283 37.48 -22.90 11.26
N ASN A 284 37.35 -21.58 11.17
CA ASN A 284 37.98 -20.69 12.16
C ASN A 284 39.48 -20.99 12.22
N THR A 285 40.10 -20.95 11.03
CA THR A 285 41.55 -21.01 10.87
C THR A 285 41.94 -20.15 9.67
N THR A 286 43.16 -19.60 9.70
CA THR A 286 43.59 -18.70 8.63
C THR A 286 44.06 -19.53 7.46
N ILE A 287 43.95 -18.94 6.27
CA ILE A 287 44.39 -19.59 5.05
C ILE A 287 45.86 -19.98 5.16
N GLU A 288 46.64 -19.16 5.85
CA GLU A 288 48.06 -19.42 6.04
C GLU A 288 48.30 -20.73 6.82
N GLU A 289 47.53 -20.93 7.89
CA GLU A 289 47.65 -22.15 8.70
C GLU A 289 47.28 -23.35 7.85
N LEU A 290 46.28 -23.15 7.00
CA LEU A 290 45.79 -24.18 6.06
C LEU A 290 46.79 -24.56 4.96
N GLU A 291 47.55 -23.58 4.48
CA GLU A 291 48.72 -23.85 3.63
C GLU A 291 49.84 -24.55 4.43
N ALA A 292 50.08 -24.09 5.66
CA ALA A 292 50.96 -24.81 6.57
C ALA A 292 50.40 -26.22 6.75
N LYS A 293 49.18 -26.28 7.31
CA LYS A 293 48.52 -27.56 7.61
C LYS A 293 48.61 -28.55 6.44
N TYR A 294 48.34 -28.08 5.21
CA TYR A 294 48.25 -28.98 4.04
C TYR A 294 49.49 -28.92 3.13
N GLU A 295 50.67 -28.93 3.77
CA GLU A 295 51.92 -28.70 3.05
C GLU A 295 52.21 -29.81 2.08
N GLY A 296 52.57 -30.97 2.60
CA GLY A 296 52.98 -32.07 1.74
C GLY A 296 51.81 -32.95 1.42
N LYS A 297 50.63 -32.36 1.28
CA LYS A 297 49.42 -33.13 1.15
C LYS A 297 48.68 -32.68 -0.10
N GLY A 298 47.90 -33.58 -0.67
CA GLY A 298 47.17 -33.34 -1.92
C GLY A 298 45.67 -33.20 -1.74
N TYR A 299 44.94 -33.09 -2.84
CA TYR A 299 43.51 -32.70 -2.77
C TYR A 299 42.62 -33.76 -2.13
N GLY A 300 43.09 -35.01 -2.16
CA GLY A 300 42.40 -36.13 -1.52
C GLY A 300 41.91 -35.83 -0.13
N GLU A 301 42.82 -35.67 0.85
CA GLU A 301 42.34 -35.46 2.20
C GLU A 301 41.89 -34.03 2.44
N PHE A 302 42.35 -33.11 1.58
CA PHE A 302 41.91 -31.73 1.72
C PHE A 302 40.39 -31.65 1.59
N LYS A 303 39.84 -32.39 0.63
CA LYS A 303 38.39 -32.41 0.45
C LYS A 303 37.71 -33.27 1.50
N GLY A 304 38.34 -34.39 1.89
CA GLY A 304 37.81 -35.21 2.97
C GLY A 304 37.71 -34.45 4.28
N ASP A 305 38.80 -33.79 4.66
CA ASP A 305 38.82 -33.03 5.90
C ASP A 305 37.85 -31.84 5.85
N LEU A 306 37.82 -31.13 4.73
CA LEU A 306 36.90 -30.00 4.56
C LEU A 306 35.45 -30.47 4.65
N ALA A 307 35.16 -31.62 4.06
CA ALA A 307 33.82 -32.21 4.13
C ALA A 307 33.37 -32.38 5.57
N GLU A 308 34.20 -33.00 6.40
CA GLU A 308 33.83 -33.18 7.79
C GLU A 308 33.72 -31.83 8.49
N VAL A 309 34.51 -30.86 8.05
CA VAL A 309 34.45 -29.54 8.64
C VAL A 309 33.14 -28.82 8.33
N VAL A 310 32.61 -29.05 7.14
CA VAL A 310 31.36 -28.45 6.72
C VAL A 310 30.19 -29.16 7.38
N VAL A 311 30.23 -30.49 7.37
CA VAL A 311 29.21 -31.25 8.09
C VAL A 311 29.07 -30.78 9.52
N ASN A 312 30.20 -30.66 10.21
CA ASN A 312 30.20 -30.27 11.61
C ASN A 312 29.74 -28.85 11.82
N ALA A 313 29.99 -27.97 10.87
CA ALA A 313 29.49 -26.60 10.95
C ALA A 313 27.98 -26.56 10.74
N LEU A 314 27.49 -27.35 9.80
CA LEU A 314 26.09 -27.34 9.45
C LEU A 314 25.19 -28.19 10.38
N LYS A 315 25.77 -29.07 11.20
CA LYS A 315 24.97 -29.97 12.03
C LYS A 315 24.13 -29.21 13.07
N PRO A 316 24.76 -28.42 13.96
CA PRO A 316 23.93 -27.67 14.92
C PRO A 316 22.83 -26.86 14.25
N ILE A 317 23.13 -26.26 13.09
CA ILE A 317 22.17 -25.45 12.34
C ILE A 317 20.98 -26.32 11.95
N GLN A 318 21.27 -27.53 11.49
CA GLN A 318 20.25 -28.47 11.03
C GLN A 318 19.40 -29.03 12.16
N ASP A 319 20.06 -29.46 13.23
CA ASP A 319 19.36 -29.99 14.39
C ASP A 319 18.44 -28.92 14.95
N ARG A 320 18.92 -27.69 14.97
CA ARG A 320 18.14 -26.59 15.48
C ARG A 320 17.04 -26.19 14.52
N TYR A 321 17.35 -26.09 13.23
CA TYR A 321 16.31 -25.83 12.26
C TYR A 321 15.16 -26.82 12.39
N TYR A 322 15.48 -28.10 12.54
CA TYR A 322 14.47 -29.16 12.57
C TYR A 322 13.62 -29.17 13.85
N GLU A 323 14.12 -28.60 14.94
CA GLU A 323 13.23 -28.36 16.08
C GLU A 323 12.20 -27.28 15.71
N LEU A 324 12.68 -26.04 15.54
CA LEU A 324 11.81 -24.88 15.23
C LEU A 324 10.77 -25.06 14.12
N ILE A 325 11.20 -25.63 12.99
CA ILE A 325 10.35 -25.67 11.78
C ILE A 325 8.97 -26.32 12.02
N GLU A 326 8.90 -27.29 12.92
CA GLU A 326 7.64 -27.95 13.25
C GLU A 326 6.94 -27.35 14.48
N SER A 327 7.70 -26.81 15.44
CA SER A 327 7.15 -26.39 16.72
C SER A 327 6.45 -25.03 16.66
N GLU A 328 5.57 -24.82 17.64
CA GLU A 328 4.83 -23.57 17.76
C GLU A 328 5.63 -22.48 18.48
N GLU A 329 6.80 -22.81 19.04
CA GLU A 329 7.68 -21.78 19.60
C GLU A 329 8.12 -20.79 18.52
N LEU A 330 8.27 -21.26 17.28
CA LEU A 330 8.60 -20.39 16.14
C LEU A 330 7.51 -19.35 15.97
N ASP A 331 6.27 -19.81 15.86
CA ASP A 331 5.10 -18.92 15.75
C ASP A 331 5.07 -17.86 16.85
N ARG A 332 5.45 -18.25 18.06
CA ARG A 332 5.51 -17.33 19.17
C ARG A 332 6.57 -16.25 18.95
N ILE A 333 7.74 -16.64 18.44
CA ILE A 333 8.81 -15.68 18.14
C ILE A 333 8.42 -14.69 17.01
N LEU A 334 7.63 -15.17 16.06
CA LEU A 334 7.22 -14.34 14.94
C LEU A 334 6.04 -13.45 15.33
N ASP A 335 5.31 -13.84 16.37
CA ASP A 335 4.29 -12.98 16.95
C ASP A 335 4.94 -11.83 17.74
N GLU A 336 5.92 -12.15 18.59
CA GLU A 336 6.66 -11.13 19.36
C GLU A 336 7.29 -10.06 18.47
N GLY A 337 8.00 -10.52 17.45
CA GLY A 337 8.66 -9.62 16.50
C GLY A 337 7.69 -8.74 15.73
N ALA A 338 6.56 -9.29 15.34
CA ALA A 338 5.52 -8.53 14.68
C ALA A 338 5.01 -7.46 15.63
N GLU A 339 4.83 -7.83 16.90
CA GLU A 339 4.38 -6.90 17.91
C GLU A 339 5.37 -5.77 18.12
N ARG A 340 6.65 -6.11 18.27
CA ARG A 340 7.66 -5.08 18.48
C ARG A 340 7.70 -4.13 17.29
N ALA A 341 7.79 -4.70 16.10
CA ALA A 341 7.83 -3.93 14.87
C ALA A 341 6.63 -2.98 14.73
N ASN A 342 5.43 -3.48 14.99
CA ASN A 342 4.20 -2.68 14.92
C ASN A 342 4.19 -1.50 15.84
N ARG A 343 4.57 -1.70 17.10
CA ARG A 343 4.67 -0.58 18.03
C ARG A 343 5.64 0.49 17.50
N THR A 344 6.82 0.11 17.06
CA THR A 344 7.74 1.10 16.51
C THR A 344 7.21 1.74 15.23
N ALA A 345 6.71 0.92 14.32
CA ALA A 345 6.38 1.39 12.99
C ALA A 345 5.19 2.33 13.04
N ASN A 346 4.21 1.98 13.88
CA ASN A 346 3.01 2.80 14.02
C ASN A 346 3.30 4.22 14.54
N LYS A 347 4.30 4.39 15.39
CA LYS A 347 4.69 5.74 15.83
C LYS A 347 5.16 6.59 14.64
N MET A 348 6.08 6.06 13.85
CA MET A 348 6.56 6.80 12.69
C MET A 348 5.40 7.04 11.70
N LEU A 349 4.47 6.09 11.62
CA LEU A 349 3.38 6.19 10.66
C LEU A 349 2.49 7.36 11.02
N LYS A 350 2.23 7.52 12.31
CA LYS A 350 1.48 8.66 12.80
C LYS A 350 2.14 10.00 12.41
N LYS A 351 3.45 10.07 12.52
CA LYS A 351 4.19 11.27 12.14
C LYS A 351 4.04 11.60 10.64
N MET A 352 4.18 10.59 9.79
CA MET A 352 3.98 10.74 8.35
C MET A 352 2.57 11.23 8.02
N GLU A 353 1.58 10.74 8.75
CA GLU A 353 0.17 11.07 8.49
C GLU A 353 -0.13 12.51 8.92
N ASN A 354 0.29 12.86 10.14
CA ASN A 354 0.26 14.25 10.59
C ASN A 354 0.98 15.13 9.58
N ALA A 355 2.19 14.75 9.20
CA ALA A 355 2.93 15.52 8.21
C ALA A 355 2.21 15.72 6.86
N MET A 356 1.26 14.87 6.52
CA MET A 356 0.62 14.98 5.20
C MET A 356 -0.84 15.38 5.26
N GLY A 357 -1.47 15.23 6.42
CA GLY A 357 -2.88 15.61 6.59
C GLY A 357 -3.93 14.49 6.46
N LEU A 358 -3.52 13.23 6.60
CA LEU A 358 -4.45 12.10 6.57
C LEU A 358 -5.19 11.94 7.91
N GLY A 359 -6.41 11.45 7.89
CA GLY A 359 -7.14 11.22 9.14
C GLY A 359 -7.39 12.45 10.00
N ARG A 360 -7.04 12.37 11.30
CA ARG A 360 -7.41 13.33 12.36
C ARG A 360 -6.39 13.41 13.52
N LYS B 35 -29.98 -8.40 0.31
CA LYS B 35 -29.70 -6.93 0.35
C LYS B 35 -28.38 -6.60 -0.31
N GLN B 36 -28.45 -6.01 -1.50
CA GLN B 36 -27.28 -5.54 -2.22
C GLN B 36 -26.48 -4.50 -1.39
N THR B 37 -25.19 -4.39 -1.69
CA THR B 37 -24.32 -3.47 -0.99
C THR B 37 -23.70 -2.44 -1.96
N ILE B 38 -23.64 -1.18 -1.51
CA ILE B 38 -23.12 -0.07 -2.31
C ILE B 38 -21.94 0.63 -1.64
N PHE B 39 -20.90 0.91 -2.42
CA PHE B 39 -19.74 1.68 -1.96
C PHE B 39 -19.60 2.96 -2.77
N SER B 40 -19.64 4.09 -2.07
CA SER B 40 -19.37 5.39 -2.68
C SER B 40 -18.08 5.99 -2.09
N GLY B 41 -17.10 6.17 -2.98
CA GLY B 41 -15.83 6.77 -2.67
C GLY B 41 -16.04 8.25 -2.88
N ILE B 42 -15.84 9.02 -1.82
CA ILE B 42 -16.17 10.44 -1.79
C ILE B 42 -14.90 11.26 -1.48
N GLN B 43 -14.45 12.02 -2.48
CA GLN B 43 -13.20 12.79 -2.36
C GLN B 43 -13.40 14.02 -1.44
N PRO B 44 -12.52 14.20 -0.42
CA PRO B 44 -12.61 15.42 0.40
C PRO B 44 -12.00 16.60 -0.33
N SER B 45 -12.81 17.36 -1.03
CA SER B 45 -12.32 18.34 -1.96
C SER B 45 -12.81 19.73 -1.61
N GLY B 46 -13.16 19.96 -0.35
CA GLY B 46 -13.32 21.31 0.11
C GLY B 46 -14.74 21.72 0.38
N SER B 47 -15.60 21.65 -0.62
CA SER B 47 -16.99 22.10 -0.46
C SER B 47 -17.92 21.67 -1.60
N VAL B 48 -19.14 21.31 -1.21
CA VAL B 48 -20.10 20.69 -2.10
C VAL B 48 -21.06 21.71 -2.64
N THR B 49 -21.18 21.76 -3.96
CA THR B 49 -22.15 22.64 -4.57
C THR B 49 -23.53 21.99 -4.47
N LEU B 50 -24.56 22.81 -4.51
CA LEU B 50 -25.93 22.34 -4.59
C LEU B 50 -26.10 21.32 -5.70
N GLY B 51 -25.52 21.62 -6.86
CA GLY B 51 -25.62 20.72 -8.00
C GLY B 51 -25.20 19.29 -7.71
N ASN B 52 -24.11 19.14 -6.97
CA ASN B 52 -23.56 17.82 -6.65
C ASN B 52 -24.28 17.19 -5.48
N TYR B 53 -24.81 18.01 -4.59
CA TYR B 53 -25.73 17.52 -3.55
C TYR B 53 -26.97 16.86 -4.15
N ILE B 54 -27.51 17.47 -5.20
CA ILE B 54 -28.66 16.92 -5.89
C ILE B 54 -28.29 15.75 -6.81
N GLY B 55 -27.11 15.81 -7.43
CA GLY B 55 -26.65 14.70 -8.28
C GLY B 55 -26.49 13.41 -7.48
N ALA B 56 -25.50 13.39 -6.60
CA ALA B 56 -25.12 12.19 -5.88
C ALA B 56 -25.66 12.18 -4.45
N MET B 57 -25.24 13.17 -3.68
CA MET B 57 -25.34 13.12 -2.24
C MET B 57 -26.74 12.69 -1.78
N LYS B 58 -27.74 13.41 -2.27
CA LYS B 58 -29.13 13.21 -1.89
C LYS B 58 -29.62 11.83 -2.35
N GLN B 59 -29.27 11.48 -3.59
CA GLN B 59 -29.74 10.23 -4.20
C GLN B 59 -29.29 9.04 -3.39
N PHE B 60 -28.01 9.02 -3.02
CA PHE B 60 -27.40 7.86 -2.37
C PHE B 60 -27.55 7.84 -0.86
N VAL B 61 -27.71 8.99 -0.24
CA VAL B 61 -27.94 9.04 1.18
C VAL B 61 -29.28 8.39 1.50
N GLU B 62 -30.25 8.53 0.60
CA GLU B 62 -31.62 8.00 0.83
C GLU B 62 -31.75 6.49 0.69
N LEU B 63 -30.85 5.92 -0.09
CA LEU B 63 -30.78 4.48 -0.27
C LEU B 63 -30.16 3.76 0.93
N GLN B 64 -29.89 4.48 2.01
CA GLN B 64 -29.27 3.89 3.18
C GLN B 64 -30.15 2.81 3.87
N HIS B 65 -31.47 2.83 3.65
CA HIS B 65 -32.34 1.84 4.34
C HIS B 65 -32.67 0.61 3.48
N ASP B 66 -32.60 0.77 2.16
CA ASP B 66 -32.83 -0.33 1.22
C ASP B 66 -31.56 -1.08 0.83
N TYR B 67 -30.43 -0.39 0.90
CA TYR B 67 -29.14 -0.98 0.58
C TYR B 67 -28.20 -0.86 1.73
N ASN B 68 -27.28 -1.82 1.80
CA ASN B 68 -26.17 -1.75 2.76
C ASN B 68 -25.10 -0.86 2.16
N SER B 69 -24.89 0.29 2.81
CA SER B 69 -24.21 1.44 2.18
C SER B 69 -23.02 1.98 2.98
N TYR B 70 -21.92 2.19 2.24
CA TYR B 70 -20.66 2.70 2.74
C TYR B 70 -20.33 3.99 2.01
N PHE B 71 -19.91 4.98 2.80
CA PHE B 71 -19.40 6.26 2.30
C PHE B 71 -18.00 6.44 2.90
N CYS B 72 -17.02 6.42 2.01
CA CYS B 72 -15.61 6.36 2.37
C CYS B 72 -14.94 7.64 1.94
N ILE B 73 -14.47 8.44 2.92
CA ILE B 73 -13.74 9.66 2.62
C ILE B 73 -12.36 9.19 2.19
N VAL B 74 -12.05 9.36 0.91
CA VAL B 74 -10.86 8.74 0.33
C VAL B 74 -9.69 9.68 0.42
N ASP B 75 -9.21 9.85 1.66
CA ASP B 75 -8.09 10.76 1.91
C ASP B 75 -6.79 10.24 1.30
N GLN B 76 -6.65 8.92 1.17
CA GLN B 76 -5.42 8.38 0.57
C GLN B 76 -5.35 8.64 -0.93
N HIS B 77 -6.51 8.84 -1.54
N HIS B 77 -6.51 8.84 -1.56
CA HIS B 77 -6.54 9.21 -2.95
CA HIS B 77 -6.58 9.25 -2.96
C HIS B 77 -6.32 10.72 -3.13
C HIS B 77 -6.22 10.72 -3.08
N ALA B 78 -6.71 11.51 -2.13
CA ALA B 78 -6.52 12.95 -2.15
C ALA B 78 -5.04 13.34 -2.22
N ILE B 79 -4.15 12.55 -1.60
CA ILE B 79 -2.72 12.88 -1.59
C ILE B 79 -2.01 12.52 -2.89
N THR B 80 -2.75 12.10 -3.91
CA THR B 80 -2.18 11.86 -5.24
C THR B 80 -1.97 13.19 -5.98
N VAL B 81 -2.55 14.26 -5.45
CA VAL B 81 -2.34 15.62 -5.96
C VAL B 81 -1.73 16.46 -4.85
N PRO B 82 -1.25 17.67 -5.20
CA PRO B 82 -0.69 18.51 -4.13
C PRO B 82 -1.79 18.94 -3.17
N GLN B 83 -1.45 18.98 -1.88
CA GLN B 83 -2.40 19.22 -0.81
C GLN B 83 -1.75 19.98 0.34
N ASP B 84 -2.43 20.95 0.93
CA ASP B 84 -1.93 21.50 2.16
C ASP B 84 -2.43 20.57 3.25
N ARG B 85 -1.55 20.18 4.16
CA ARG B 85 -1.90 19.25 5.23
C ARG B 85 -3.08 19.75 6.06
N LEU B 86 -3.21 21.07 6.18
CA LEU B 86 -4.28 21.69 6.97
C LEU B 86 -5.57 21.70 6.17
N GLU B 87 -5.50 22.08 4.91
CA GLU B 87 -6.68 22.07 4.06
C GLU B 87 -7.31 20.67 4.03
N LEU B 88 -6.47 19.63 3.94
CA LEU B 88 -6.89 18.22 3.91
C LEU B 88 -7.61 17.75 5.19
N ARG B 89 -7.02 17.96 6.36
CA ARG B 89 -7.73 17.61 7.60
C ARG B 89 -9.01 18.40 7.80
N LYS B 90 -9.01 19.62 7.29
CA LYS B 90 -10.18 20.48 7.35
C LYS B 90 -11.30 19.91 6.47
N ASN B 91 -10.94 19.62 5.21
CA ASN B 91 -11.89 19.08 4.22
C ASN B 91 -12.50 17.76 4.63
N ILE B 92 -11.69 16.89 5.24
CA ILE B 92 -12.16 15.57 5.69
C ILE B 92 -13.24 15.71 6.75
N ARG B 93 -12.94 16.40 7.84
CA ARG B 93 -13.95 16.71 8.88
C ARG B 93 -15.19 17.29 8.21
N ASN B 94 -14.98 18.35 7.43
CA ASN B 94 -16.05 19.12 6.88
C ASN B 94 -17.01 18.25 6.10
N LEU B 95 -16.46 17.42 5.23
CA LEU B 95 -17.27 16.53 4.39
C LEU B 95 -18.05 15.51 5.22
N ALA B 96 -17.41 14.99 6.25
CA ALA B 96 -18.09 14.06 7.15
C ALA B 96 -19.29 14.75 7.79
N ALA B 97 -19.11 16.00 8.20
CA ALA B 97 -20.14 16.74 8.90
C ALA B 97 -21.34 16.95 8.00
N LEU B 98 -21.08 17.27 6.73
CA LEU B 98 -22.16 17.50 5.77
C LEU B 98 -22.94 16.23 5.53
N TYR B 99 -22.24 15.12 5.35
CA TYR B 99 -22.92 13.92 5.00
C TYR B 99 -23.97 13.64 6.09
N LEU B 100 -23.53 13.67 7.35
CA LEU B 100 -24.43 13.48 8.46
C LEU B 100 -25.49 14.58 8.50
N ALA B 101 -25.11 15.82 8.20
CA ALA B 101 -26.06 16.95 8.23
C ALA B 101 -27.20 16.79 7.22
N VAL B 102 -26.94 16.07 6.14
CA VAL B 102 -27.89 15.94 5.05
C VAL B 102 -28.77 14.70 5.26
N GLY B 103 -28.65 14.08 6.44
CA GLY B 103 -29.57 13.00 6.81
C GLY B 103 -29.01 11.58 6.88
N LEU B 104 -27.75 11.39 6.49
CA LEU B 104 -27.06 10.10 6.63
C LEU B 104 -27.12 9.67 8.09
N ASP B 105 -27.56 8.43 8.31
CA ASP B 105 -27.79 7.88 9.64
C ASP B 105 -26.64 6.96 9.95
N PRO B 106 -25.75 7.37 10.84
CA PRO B 106 -24.56 6.56 11.05
C PRO B 106 -24.83 5.19 11.65
N GLU B 107 -26.05 4.94 12.11
CA GLU B 107 -26.36 3.67 12.76
C GLU B 107 -27.00 2.71 11.78
N LYS B 108 -27.08 3.14 10.52
CA LYS B 108 -27.59 2.29 9.42
C LYS B 108 -26.61 2.26 8.25
N ALA B 109 -25.86 3.35 8.05
CA ALA B 109 -24.83 3.42 7.01
C ALA B 109 -23.44 3.55 7.66
N THR B 110 -22.41 3.29 6.86
CA THR B 110 -21.05 3.30 7.36
C THR B 110 -20.22 4.41 6.70
N LEU B 111 -20.00 5.47 7.47
CA LEU B 111 -19.22 6.61 7.08
C LEU B 111 -17.88 6.52 7.77
N PHE B 112 -16.82 6.53 7.01
CA PHE B 112 -15.50 6.35 7.61
C PHE B 112 -14.43 6.95 6.74
N ILE B 113 -13.23 7.04 7.29
CA ILE B 113 -12.08 7.60 6.61
C ILE B 113 -11.16 6.45 6.19
N GLN B 114 -10.95 6.37 4.87
CA GLN B 114 -10.09 5.39 4.19
C GLN B 114 -8.81 5.04 4.99
N SER B 115 -8.05 6.09 5.24
CA SER B 115 -6.79 6.09 5.97
C SER B 115 -6.83 5.35 7.32
N GLU B 116 -7.99 5.38 7.97
CA GLU B 116 -8.16 4.73 9.29
C GLU B 116 -8.53 3.23 9.18
N VAL B 117 -8.50 2.70 7.95
CA VAL B 117 -8.80 1.30 7.71
C VAL B 117 -7.62 0.72 6.92
N PRO B 118 -6.55 0.37 7.64
CA PRO B 118 -5.30 -0.06 6.99
C PRO B 118 -5.47 -1.12 5.91
N ALA B 119 -6.55 -1.91 5.97
CA ALA B 119 -6.81 -2.92 4.95
C ALA B 119 -6.78 -2.37 3.51
N HIS B 120 -7.18 -1.12 3.34
CA HIS B 120 -7.14 -0.50 2.00
C HIS B 120 -5.76 -0.49 1.39
N ALA B 121 -4.77 0.00 2.12
CA ALA B 121 -3.38 -0.01 1.63
C ALA B 121 -2.91 -1.44 1.43
N GLN B 122 -3.29 -2.31 2.37
CA GLN B 122 -2.86 -3.70 2.31
C GLN B 122 -3.38 -4.39 1.06
N ALA B 123 -4.69 -4.44 0.92
CA ALA B 123 -5.30 -5.01 -0.27
C ALA B 123 -4.89 -4.20 -1.48
N GLY B 124 -4.84 -2.88 -1.32
CA GLY B 124 -4.35 -2.00 -2.39
C GLY B 124 -3.07 -2.53 -3.00
N TRP B 125 -2.14 -2.96 -2.15
CA TRP B 125 -0.84 -3.47 -2.61
C TRP B 125 -0.93 -4.83 -3.31
N MET B 126 -1.67 -5.79 -2.74
CA MET B 126 -1.92 -7.07 -3.45
C MET B 126 -2.47 -6.83 -4.86
N MET B 127 -3.40 -5.86 -4.99
CA MET B 127 -4.01 -5.58 -6.30
C MET B 127 -3.00 -4.97 -7.27
N GLN B 128 -1.97 -4.29 -6.75
CA GLN B 128 -0.84 -3.82 -7.58
C GLN B 128 -0.05 -4.98 -8.20
N CYS B 129 -0.09 -6.12 -7.52
CA CYS B 129 0.62 -7.29 -7.95
C CYS B 129 -0.19 -8.15 -8.90
N VAL B 130 -1.36 -7.64 -9.26
CA VAL B 130 -2.25 -8.27 -10.22
C VAL B 130 -2.52 -7.35 -11.40
N ALA B 131 -2.63 -6.05 -11.17
CA ALA B 131 -2.72 -5.07 -12.25
C ALA B 131 -1.41 -4.97 -12.99
N TYR B 132 -1.50 -4.65 -14.29
CA TYR B 132 -0.34 -4.47 -15.16
C TYR B 132 -0.19 -3.03 -15.45
N ILE B 133 1.01 -2.60 -15.78
CA ILE B 133 1.23 -1.19 -16.12
C ILE B 133 0.44 -0.73 -17.34
N GLY B 134 0.46 -1.54 -18.41
CA GLY B 134 -0.24 -1.21 -19.65
C GLY B 134 -1.63 -0.67 -19.38
N GLU B 135 -2.43 -1.46 -18.67
CA GLU B 135 -3.80 -1.06 -18.31
C GLU B 135 -3.81 0.33 -17.66
N LEU B 136 -2.85 0.56 -16.77
CA LEU B 136 -2.82 1.78 -15.97
C LEU B 136 -2.37 3.02 -16.77
N GLU B 137 -1.45 2.86 -17.71
CA GLU B 137 -0.99 4.00 -18.52
C GLU B 137 -2.07 4.47 -19.49
N ARG B 138 -3.12 3.66 -19.67
CA ARG B 138 -4.14 3.92 -20.67
C ARG B 138 -5.36 4.64 -20.13
N MET B 139 -5.16 5.67 -19.30
CA MET B 139 -6.28 6.38 -18.69
C MET B 139 -6.01 7.87 -18.49
N VAL B 153 4.35 11.80 -10.53
CA VAL B 153 4.11 11.16 -9.23
C VAL B 153 3.44 9.77 -9.39
N SER B 154 3.91 8.82 -8.59
CA SER B 154 3.57 7.41 -8.75
C SER B 154 2.13 7.01 -8.37
N GLY B 155 1.61 7.63 -7.32
CA GLY B 155 0.28 7.31 -6.84
C GLY B 155 -0.77 7.78 -7.80
N LEU B 156 -0.41 8.72 -8.66
CA LEU B 156 -1.33 9.17 -9.68
C LEU B 156 -1.57 8.04 -10.66
N LEU B 157 -0.50 7.40 -11.09
CA LEU B 157 -0.60 6.33 -12.09
C LEU B 157 -1.18 5.05 -11.53
N THR B 158 -1.04 4.84 -10.21
CA THR B 158 -1.29 3.54 -9.62
C THR B 158 -2.28 3.53 -8.43
N TYR B 159 -3.25 4.45 -8.44
N TYR B 159 -3.24 4.47 -8.44
CA TYR B 159 -4.34 4.41 -7.45
CA TYR B 159 -4.36 4.44 -7.49
C TYR B 159 -5.52 3.52 -7.87
C TYR B 159 -5.46 3.46 -7.87
N PRO B 160 -5.72 3.28 -9.18
CA PRO B 160 -6.83 2.39 -9.55
C PRO B 160 -6.87 0.98 -8.89
N PRO B 161 -5.72 0.30 -8.77
CA PRO B 161 -5.74 -0.92 -7.99
C PRO B 161 -6.16 -0.68 -6.55
N LEU B 162 -5.79 0.45 -5.98
CA LEU B 162 -6.21 0.78 -4.62
C LEU B 162 -7.72 1.10 -4.60
N MET B 163 -8.17 1.76 -5.66
CA MET B 163 -9.60 2.01 -5.83
C MET B 163 -10.39 0.72 -6.01
N ALA B 164 -9.86 -0.18 -6.81
CA ALA B 164 -10.46 -1.51 -6.94
C ALA B 164 -10.52 -2.13 -5.55
N ALA B 165 -9.45 -1.97 -4.78
CA ALA B 165 -9.38 -2.51 -3.42
C ALA B 165 -10.43 -1.88 -2.51
N ASP B 166 -10.68 -0.59 -2.69
CA ASP B 166 -11.66 0.10 -1.87
C ASP B 166 -13.01 -0.61 -1.99
N ILE B 167 -13.40 -0.85 -3.23
CA ILE B 167 -14.73 -1.37 -3.52
C ILE B 167 -14.82 -2.86 -3.17
N LEU B 168 -13.79 -3.62 -3.53
CA LEU B 168 -13.81 -5.07 -3.37
C LEU B 168 -13.72 -5.56 -1.92
N LEU B 169 -13.14 -4.76 -1.05
CA LEU B 169 -12.96 -5.19 0.34
C LEU B 169 -14.28 -5.40 1.06
N TYR B 170 -15.36 -4.86 0.50
CA TYR B 170 -16.65 -4.81 1.19
C TYR B 170 -17.72 -5.69 0.48
N GLY B 171 -17.31 -6.48 -0.49
CA GLY B 171 -18.23 -7.36 -1.17
C GLY B 171 -19.21 -6.53 -1.97
N THR B 172 -18.76 -5.36 -2.42
CA THR B 172 -19.61 -4.38 -3.06
C THR B 172 -20.32 -4.92 -4.29
N ASP B 173 -21.65 -4.81 -4.29
CA ASP B 173 -22.51 -5.17 -5.43
C ASP B 173 -22.64 -4.00 -6.40
N LEU B 174 -22.73 -2.78 -5.86
CA LEU B 174 -22.98 -1.55 -6.66
C LEU B 174 -22.09 -0.32 -6.35
N VAL B 175 -21.71 0.42 -7.37
CA VAL B 175 -21.04 1.71 -7.17
C VAL B 175 -21.79 2.83 -7.87
N PRO B 176 -21.67 4.08 -7.39
CA PRO B 176 -22.28 5.20 -8.07
C PRO B 176 -21.64 5.58 -9.40
N PRO B 177 -22.33 6.40 -10.19
CA PRO B 177 -21.82 6.94 -11.43
C PRO B 177 -21.04 8.26 -11.26
N GLY B 178 -19.99 8.27 -10.47
CA GLY B 178 -19.10 9.43 -10.48
C GLY B 178 -18.67 9.71 -11.91
N GLU B 179 -18.96 10.91 -12.41
CA GLU B 179 -18.57 11.28 -13.78
C GLU B 179 -17.07 11.04 -13.97
N ASP B 180 -16.73 10.20 -14.96
CA ASP B 180 -15.35 9.72 -15.23
C ASP B 180 -14.95 8.47 -14.43
N GLN B 181 -15.94 7.68 -14.01
CA GLN B 181 -15.69 6.37 -13.38
C GLN B 181 -15.99 5.22 -14.34
N LYS B 182 -16.30 5.54 -15.60
CA LYS B 182 -16.64 4.49 -16.54
C LYS B 182 -15.47 3.53 -16.78
N GLN B 183 -14.23 4.06 -16.83
CA GLN B 183 -13.03 3.22 -17.02
C GLN B 183 -12.37 2.75 -15.71
N HIS B 184 -12.70 3.40 -14.60
CA HIS B 184 -12.21 2.97 -13.29
C HIS B 184 -12.92 1.71 -12.84
N LEU B 185 -14.23 1.67 -13.03
CA LEU B 185 -15.00 0.48 -12.72
C LEU B 185 -14.65 -0.72 -13.61
N GLU B 186 -14.30 -0.45 -14.87
CA GLU B 186 -14.00 -1.52 -15.83
C GLU B 186 -12.77 -2.28 -15.37
N LEU B 187 -11.73 -1.53 -15.07
CA LEU B 187 -10.52 -2.08 -14.48
C LEU B 187 -10.87 -2.82 -13.21
N THR B 188 -11.62 -2.19 -12.33
CA THR B 188 -11.98 -2.84 -11.08
C THR B 188 -12.60 -4.20 -11.36
N ARG B 189 -13.65 -4.21 -12.18
CA ARG B 189 -14.28 -5.46 -12.60
C ARG B 189 -13.24 -6.48 -13.08
N ASN B 190 -12.44 -6.08 -14.06
CA ASN B 190 -11.38 -6.92 -14.61
C ASN B 190 -10.41 -7.45 -13.59
N LEU B 191 -9.98 -6.59 -12.66
CA LEU B 191 -9.01 -7.02 -11.68
C LEU B 191 -9.65 -8.02 -10.76
N ALA B 192 -10.91 -7.77 -10.43
CA ALA B 192 -11.73 -8.70 -9.65
C ALA B 192 -11.74 -10.09 -10.30
N GLU B 193 -12.00 -10.10 -11.61
CA GLU B 193 -12.10 -11.33 -12.38
C GLU B 193 -10.75 -12.04 -12.46
N ARG B 194 -9.67 -11.26 -12.50
CA ARG B 194 -8.34 -11.81 -12.70
C ARG B 194 -7.88 -12.51 -11.41
N PHE B 195 -8.30 -11.97 -10.27
CA PHE B 195 -7.93 -12.50 -8.96
C PHE B 195 -8.78 -13.73 -8.64
N ASN B 196 -10.03 -13.72 -9.10
CA ASN B 196 -10.93 -14.84 -8.86
C ASN B 196 -10.42 -16.07 -9.62
N LYS B 197 -9.99 -15.86 -10.86
CA LYS B 197 -9.48 -16.95 -11.68
C LYS B 197 -8.18 -17.52 -11.13
N LYS B 198 -7.32 -16.64 -10.65
CA LYS B 198 -5.93 -16.99 -10.37
C LYS B 198 -5.66 -17.48 -8.95
N TYR B 199 -6.60 -17.27 -8.03
CA TYR B 199 -6.40 -17.55 -6.62
C TYR B 199 -7.62 -18.18 -5.96
N ASN B 200 -8.73 -17.45 -5.94
CA ASN B 200 -10.00 -17.92 -5.35
C ASN B 200 -11.09 -16.97 -5.75
N ASP B 201 -12.28 -17.50 -6.05
CA ASP B 201 -13.42 -16.63 -6.22
C ASP B 201 -13.76 -16.12 -4.84
N ILE B 202 -13.33 -14.89 -4.53
CA ILE B 202 -13.75 -14.20 -3.31
C ILE B 202 -14.43 -12.85 -3.56
N PHE B 203 -14.24 -12.26 -4.74
CA PHE B 203 -14.80 -10.96 -5.04
C PHE B 203 -16.10 -11.04 -5.84
N THR B 204 -17.14 -10.33 -5.40
CA THR B 204 -18.29 -10.12 -6.27
C THR B 204 -17.95 -8.98 -7.22
N ILE B 205 -18.50 -9.07 -8.41
CA ILE B 205 -18.17 -8.19 -9.52
C ILE B 205 -19.11 -6.99 -9.48
N PRO B 206 -18.56 -5.79 -9.16
CA PRO B 206 -19.41 -4.64 -8.88
C PRO B 206 -20.05 -4.03 -10.14
N GLU B 207 -21.26 -3.53 -9.97
CA GLU B 207 -22.04 -2.94 -11.06
C GLU B 207 -22.24 -1.48 -10.75
N VAL B 208 -22.56 -0.70 -11.78
CA VAL B 208 -22.72 0.74 -11.63
C VAL B 208 -24.16 1.13 -11.85
N LYS B 209 -24.97 1.24 -10.81
CA LYS B 209 -26.39 1.50 -11.04
C LYS B 209 -26.86 2.86 -10.55
N ILE B 210 -27.58 3.57 -11.43
CA ILE B 210 -28.05 4.96 -11.22
C ILE B 210 -29.08 5.04 -10.09
N ALA B 215 -31.29 14.63 -12.99
CA ALA B 215 -31.36 16.04 -12.64
C ALA B 215 -29.95 16.65 -12.59
N ARG B 216 -29.55 17.32 -13.67
CA ARG B 216 -28.25 17.99 -13.72
C ARG B 216 -28.37 19.48 -13.54
N ILE B 217 -27.88 19.96 -12.41
CA ILE B 217 -28.03 21.33 -12.03
C ILE B 217 -26.97 22.17 -12.72
N MET B 218 -27.42 23.19 -13.43
CA MET B 218 -26.55 24.03 -14.22
C MET B 218 -26.29 25.37 -13.50
N SER B 219 -25.31 26.12 -14.02
CA SER B 219 -24.89 27.39 -13.38
C SER B 219 -25.99 28.46 -13.36
N LEU B 220 -26.03 29.23 -12.28
CA LEU B 220 -26.98 30.32 -12.10
C LEU B 220 -26.61 31.50 -12.98
N ASN B 221 -25.29 31.64 -13.20
CA ASN B 221 -24.75 32.64 -14.11
C ASN B 221 -24.80 32.18 -15.56
N ASP B 222 -24.43 30.93 -15.86
CA ASP B 222 -24.55 30.42 -17.23
C ASP B 222 -25.25 29.05 -17.32
N PRO B 223 -26.55 29.06 -17.68
CA PRO B 223 -27.38 27.87 -17.77
C PRO B 223 -26.79 26.71 -18.56
N LEU B 224 -25.91 26.99 -19.51
CA LEU B 224 -25.34 25.92 -20.34
C LEU B 224 -24.16 25.24 -19.65
N LYS B 225 -23.47 25.95 -18.77
CA LYS B 225 -22.44 25.31 -17.96
C LYS B 225 -23.04 24.59 -16.74
N LYS B 226 -22.44 23.47 -16.37
CA LYS B 226 -22.80 22.80 -15.14
C LYS B 226 -22.31 23.58 -13.91
N MET B 227 -23.10 23.58 -12.85
CA MET B 227 -22.72 24.20 -11.59
C MET B 227 -21.51 23.46 -11.03
N SER B 228 -20.47 24.22 -10.70
CA SER B 228 -19.18 23.66 -10.27
C SER B 228 -18.48 24.60 -9.30
N LYS B 229 -17.84 24.02 -8.29
CA LYS B 229 -17.18 24.80 -7.23
C LYS B 229 -16.02 25.60 -7.78
N SER B 230 -15.40 25.10 -8.84
CA SER B 230 -14.20 25.72 -9.40
C SER B 230 -14.58 26.77 -10.42
N ASP B 231 -15.84 27.15 -10.45
CA ASP B 231 -16.28 28.17 -11.38
C ASP B 231 -15.74 29.48 -10.83
N PRO B 232 -15.06 30.28 -11.68
CA PRO B 232 -14.41 31.52 -11.25
C PRO B 232 -15.36 32.52 -10.58
N ASN B 233 -16.52 32.68 -11.19
CA ASN B 233 -17.60 33.54 -10.71
C ASN B 233 -18.34 32.87 -9.53
N GLN B 234 -18.27 33.47 -8.34
CA GLN B 234 -18.89 32.93 -7.11
C GLN B 234 -20.43 32.80 -7.18
N LYS B 235 -21.03 33.52 -8.12
CA LYS B 235 -22.48 33.56 -8.27
C LYS B 235 -22.99 32.44 -9.15
N ALA B 236 -22.09 31.76 -9.85
CA ALA B 236 -22.47 30.60 -10.67
C ALA B 236 -23.07 29.48 -9.82
N TYR B 237 -22.57 29.34 -8.59
CA TYR B 237 -22.89 28.18 -7.75
C TYR B 237 -23.34 28.54 -6.33
N ILE B 238 -24.08 27.59 -5.75
CA ILE B 238 -24.50 27.66 -4.35
C ILE B 238 -23.80 26.52 -3.60
N THR B 239 -23.17 26.84 -2.48
CA THR B 239 -22.67 25.81 -1.55
C THR B 239 -23.61 25.63 -0.35
N LEU B 240 -23.70 24.41 0.13
CA LEU B 240 -24.65 24.06 1.19
C LEU B 240 -24.48 24.90 2.45
N LEU B 241 -23.30 25.49 2.65
CA LEU B 241 -23.06 26.35 3.83
C LEU B 241 -23.20 27.84 3.52
N ASP B 242 -23.67 28.18 2.32
CA ASP B 242 -23.92 29.58 1.99
C ASP B 242 -24.92 30.15 2.97
N GLU B 243 -24.69 31.40 3.40
CA GLU B 243 -25.54 32.02 4.40
C GLU B 243 -26.81 32.55 3.70
N PRO B 244 -27.95 32.58 4.41
CA PRO B 244 -29.23 33.00 3.82
C PRO B 244 -29.08 34.26 2.95
N LYS B 245 -28.58 35.34 3.57
CA LYS B 245 -28.29 36.60 2.86
C LYS B 245 -27.72 36.34 1.46
N GLN B 246 -26.59 35.63 1.42
CA GLN B 246 -25.85 35.39 0.17
C GLN B 246 -26.60 34.40 -0.74
N LEU B 247 -27.22 33.37 -0.15
CA LEU B 247 -28.14 32.42 -0.86
C LEU B 247 -29.19 33.17 -1.68
N GLU B 248 -29.82 34.12 -1.01
CA GLU B 248 -30.82 34.95 -1.64
C GLU B 248 -30.24 35.73 -2.85
N LYS B 249 -29.18 36.48 -2.60
CA LYS B 249 -28.53 37.30 -3.64
C LYS B 249 -28.24 36.50 -4.94
N LYS B 250 -27.62 35.32 -4.79
CA LYS B 250 -27.23 34.50 -5.94
C LYS B 250 -28.43 34.05 -6.79
N ILE B 251 -29.55 33.75 -6.14
CA ILE B 251 -30.78 33.35 -6.84
C ILE B 251 -31.49 34.47 -7.60
N LYS B 252 -31.56 35.65 -6.98
CA LYS B 252 -32.25 36.80 -7.58
C LYS B 252 -31.51 37.37 -8.77
N SER B 253 -30.19 37.17 -8.83
CA SER B 253 -29.39 37.62 -9.97
C SER B 253 -29.08 36.45 -10.92
N ALA B 254 -29.78 35.33 -10.76
CA ALA B 254 -29.55 34.19 -11.63
C ALA B 254 -30.12 34.51 -12.97
N VAL B 255 -29.29 34.37 -14.00
CA VAL B 255 -29.66 34.70 -15.39
C VAL B 255 -30.96 34.03 -15.81
N THR B 256 -31.76 34.74 -16.63
CA THR B 256 -33.13 34.29 -16.96
C THR B 256 -33.47 34.53 -18.44
N ASP B 257 -34.72 34.91 -18.68
CA ASP B 257 -35.22 35.26 -19.99
C ASP B 257 -35.81 36.66 -19.82
N SER B 258 -36.60 37.11 -20.78
CA SER B 258 -37.54 38.22 -20.55
C SER B 258 -39.01 37.83 -20.72
N GLU B 259 -39.27 36.62 -21.26
CA GLU B 259 -40.64 36.15 -21.57
C GLU B 259 -41.62 36.40 -20.42
N GLY B 260 -41.11 36.36 -19.18
CA GLY B 260 -41.89 36.66 -17.98
C GLY B 260 -42.77 35.52 -17.48
N ILE B 261 -42.71 34.38 -18.17
CA ILE B 261 -43.57 33.24 -17.88
C ILE B 261 -42.74 32.08 -17.35
N VAL B 262 -43.02 31.68 -16.12
CA VAL B 262 -42.37 30.52 -15.53
C VAL B 262 -42.89 29.25 -16.19
N LYS B 263 -42.16 28.81 -17.22
CA LYS B 263 -42.44 27.58 -17.98
C LYS B 263 -41.11 26.85 -18.21
N PHE B 264 -41.17 25.58 -18.57
CA PHE B 264 -39.97 24.76 -18.76
C PHE B 264 -39.75 24.36 -20.24
N ASP B 265 -38.57 24.67 -20.78
CA ASP B 265 -37.98 23.94 -21.94
C ASP B 265 -36.47 24.16 -21.91
N LYS B 266 -35.70 23.08 -21.94
CA LYS B 266 -34.29 23.17 -21.59
C LYS B 266 -33.49 23.94 -22.63
N GLU B 267 -33.64 23.56 -23.90
CA GLU B 267 -32.88 24.16 -25.00
C GLU B 267 -33.48 25.48 -25.51
N ASN B 268 -34.51 26.02 -24.82
CA ASN B 268 -35.12 27.33 -25.19
C ASN B 268 -35.26 28.36 -24.07
N LYS B 269 -35.20 27.91 -22.81
CA LYS B 269 -35.20 28.80 -21.63
C LYS B 269 -34.34 28.16 -20.56
N PRO B 270 -33.03 28.10 -20.77
CA PRO B 270 -32.29 27.18 -19.94
C PRO B 270 -32.18 27.66 -18.49
N GLY B 271 -32.12 28.98 -18.29
CA GLY B 271 -31.94 29.55 -16.95
C GLY B 271 -33.17 29.40 -16.09
N VAL B 272 -34.33 29.66 -16.68
CA VAL B 272 -35.60 29.50 -16.00
C VAL B 272 -35.94 28.01 -15.77
N SER B 273 -35.70 27.20 -16.79
CA SER B 273 -35.81 25.74 -16.67
C SER B 273 -35.01 25.19 -15.49
N ASN B 274 -33.75 25.61 -15.38
CA ASN B 274 -32.85 25.12 -14.32
C ASN B 274 -33.46 25.46 -12.96
N LEU B 275 -33.87 26.71 -12.80
CA LEU B 275 -34.46 27.21 -11.56
C LEU B 275 -35.68 26.39 -11.15
N LEU B 276 -36.56 26.12 -12.12
CA LEU B 276 -37.70 25.21 -11.92
C LEU B 276 -37.29 23.80 -11.46
N THR B 277 -36.17 23.28 -11.98
CA THR B 277 -35.63 22.01 -11.49
C THR B 277 -35.07 22.08 -10.07
N ILE B 278 -34.40 23.16 -9.71
CA ILE B 278 -33.97 23.29 -8.31
C ILE B 278 -35.22 23.36 -7.43
N TYR B 279 -36.12 24.28 -7.74
CA TYR B 279 -37.35 24.48 -6.96
C TYR B 279 -37.98 23.11 -6.76
N SER B 280 -38.14 22.40 -7.86
CA SER B 280 -38.67 21.03 -7.91
C SER B 280 -38.16 20.08 -6.81
N ILE B 281 -36.85 19.88 -6.73
CA ILE B 281 -36.25 18.90 -5.83
C ILE B 281 -36.29 19.35 -4.37
N LEU B 282 -35.94 20.60 -4.16
CA LEU B 282 -35.79 21.11 -2.82
C LEU B 282 -37.16 21.35 -2.18
N GLY B 283 -38.15 21.62 -3.02
CA GLY B 283 -39.50 21.93 -2.56
C GLY B 283 -40.46 20.76 -2.53
N ASN B 284 -40.01 19.58 -2.99
CA ASN B 284 -40.83 18.37 -3.05
C ASN B 284 -42.11 18.53 -3.86
N THR B 285 -41.93 18.90 -5.12
CA THR B 285 -43.04 19.15 -6.01
C THR B 285 -42.57 18.74 -7.37
N THR B 286 -43.47 18.76 -8.34
CA THR B 286 -43.10 18.49 -9.72
C THR B 286 -43.04 19.84 -10.43
N ILE B 287 -42.34 19.85 -11.57
CA ILE B 287 -42.06 21.07 -12.29
C ILE B 287 -43.37 21.64 -12.78
N GLU B 288 -44.18 20.77 -13.35
CA GLU B 288 -45.47 21.13 -13.93
C GLU B 288 -46.46 21.70 -12.88
N GLU B 289 -46.42 21.21 -11.65
CA GLU B 289 -47.23 21.80 -10.61
C GLU B 289 -46.84 23.26 -10.40
N LEU B 290 -45.53 23.49 -10.41
CA LEU B 290 -44.95 24.81 -10.24
C LEU B 290 -45.35 25.75 -11.38
N GLU B 291 -45.40 25.23 -12.60
CA GLU B 291 -45.88 26.02 -13.75
C GLU B 291 -47.30 26.51 -13.47
N ALA B 292 -48.16 25.56 -13.12
CA ALA B 292 -49.52 25.84 -12.64
C ALA B 292 -49.54 26.88 -11.50
N LYS B 293 -48.57 26.84 -10.61
CA LYS B 293 -48.54 27.73 -9.43
C LYS B 293 -48.10 29.17 -9.75
N TYR B 294 -47.31 29.33 -10.81
CA TYR B 294 -46.80 30.63 -11.19
C TYR B 294 -47.43 31.10 -12.50
N GLU B 295 -48.68 30.70 -12.71
CA GLU B 295 -49.43 31.04 -13.93
C GLU B 295 -49.58 32.52 -14.16
N GLY B 296 -49.87 33.28 -13.11
CA GLY B 296 -50.11 34.69 -13.27
C GLY B 296 -49.00 35.52 -12.70
N LYS B 297 -47.76 35.07 -12.90
CA LYS B 297 -46.63 35.65 -12.18
C LYS B 297 -45.32 35.70 -12.97
N GLY B 298 -44.44 36.57 -12.50
CA GLY B 298 -43.17 36.81 -13.12
C GLY B 298 -42.03 36.44 -12.21
N TYR B 299 -40.86 36.38 -12.82
CA TYR B 299 -39.63 35.90 -12.22
C TYR B 299 -39.31 36.47 -10.85
N GLY B 300 -39.79 37.68 -10.57
CA GLY B 300 -39.42 38.42 -9.36
C GLY B 300 -40.02 37.80 -8.11
N GLU B 301 -41.26 37.36 -8.24
CA GLU B 301 -41.96 36.67 -7.15
C GLU B 301 -41.44 35.25 -7.04
N PHE B 302 -41.23 34.66 -8.21
CA PHE B 302 -40.68 33.32 -8.35
C PHE B 302 -39.31 33.25 -7.70
N LYS B 303 -38.37 34.07 -8.19
CA LYS B 303 -37.01 34.10 -7.66
C LYS B 303 -37.05 34.34 -6.16
N GLY B 304 -37.92 35.25 -5.73
CA GLY B 304 -38.06 35.57 -4.30
C GLY B 304 -38.59 34.40 -3.47
N ASP B 305 -39.57 33.67 -4.00
CA ASP B 305 -40.09 32.44 -3.36
C ASP B 305 -39.07 31.31 -3.35
N LEU B 306 -38.41 31.09 -4.49
CA LEU B 306 -37.33 30.11 -4.61
C LEU B 306 -36.21 30.37 -3.61
N ALA B 307 -35.86 31.64 -3.43
CA ALA B 307 -34.86 32.01 -2.45
C ALA B 307 -35.22 31.38 -1.13
N GLU B 308 -36.46 31.60 -0.69
CA GLU B 308 -36.88 31.17 0.66
C GLU B 308 -37.02 29.67 0.79
N VAL B 309 -37.51 29.02 -0.27
CA VAL B 309 -37.54 27.57 -0.30
C VAL B 309 -36.12 27.07 0.02
N VAL B 310 -35.15 27.60 -0.73
CA VAL B 310 -33.75 27.21 -0.61
C VAL B 310 -33.18 27.52 0.77
N VAL B 311 -33.48 28.70 1.30
CA VAL B 311 -33.06 29.03 2.66
C VAL B 311 -33.62 27.98 3.63
N ASN B 312 -34.88 27.60 3.43
CA ASN B 312 -35.53 26.65 4.34
C ASN B 312 -35.10 25.21 4.15
N ALA B 313 -34.74 24.84 2.93
CA ALA B 313 -34.16 23.51 2.69
C ALA B 313 -32.74 23.39 3.29
N LEU B 314 -31.98 24.49 3.31
CA LEU B 314 -30.59 24.47 3.81
C LEU B 314 -30.41 24.84 5.28
N LYS B 315 -31.45 25.40 5.91
CA LYS B 315 -31.38 25.79 7.33
C LYS B 315 -31.11 24.58 8.25
N PRO B 316 -31.93 23.51 8.14
CA PRO B 316 -31.66 22.39 9.04
C PRO B 316 -30.27 21.82 8.76
N ILE B 317 -29.88 21.76 7.50
CA ILE B 317 -28.57 21.21 7.13
C ILE B 317 -27.45 22.02 7.75
N GLN B 318 -27.57 23.34 7.69
CA GLN B 318 -26.58 24.22 8.28
C GLN B 318 -26.63 24.07 9.80
N ASP B 319 -27.80 24.30 10.38
CA ASP B 319 -27.95 24.19 11.82
C ASP B 319 -27.20 22.97 12.33
N ARG B 320 -27.32 21.87 11.62
CA ARG B 320 -26.74 20.63 12.09
C ARG B 320 -25.24 20.48 11.87
N TYR B 321 -24.80 20.93 10.70
CA TYR B 321 -23.39 21.02 10.39
C TYR B 321 -22.62 21.60 11.57
N TYR B 322 -23.04 22.77 12.01
CA TYR B 322 -22.29 23.49 13.03
C TYR B 322 -22.33 22.83 14.40
N GLU B 323 -23.44 22.16 14.73
CA GLU B 323 -23.46 21.37 15.95
C GLU B 323 -22.34 20.33 15.85
N LEU B 324 -22.24 19.64 14.72
CA LEU B 324 -21.30 18.51 14.58
C LEU B 324 -19.82 18.93 14.40
N ILE B 325 -19.58 19.91 13.53
CA ILE B 325 -18.23 20.33 13.19
C ILE B 325 -17.41 20.59 14.46
N GLU B 326 -18.01 21.28 15.43
CA GLU B 326 -17.33 21.52 16.69
C GLU B 326 -17.37 20.33 17.66
N SER B 327 -18.51 19.63 17.75
CA SER B 327 -18.66 18.56 18.75
C SER B 327 -17.58 17.49 18.65
N GLU B 328 -17.50 16.64 19.66
CA GLU B 328 -16.72 15.43 19.55
C GLU B 328 -17.61 14.26 19.19
N GLU B 329 -18.93 14.43 19.30
CA GLU B 329 -19.88 13.46 18.72
C GLU B 329 -19.46 13.07 17.27
N LEU B 330 -18.99 14.04 16.49
CA LEU B 330 -18.51 13.76 15.14
C LEU B 330 -17.35 12.79 15.11
N ASP B 331 -16.43 12.93 16.06
CA ASP B 331 -15.34 11.97 16.19
C ASP B 331 -15.85 10.58 16.58
N ARG B 332 -16.83 10.49 17.47
CA ARG B 332 -17.37 9.18 17.86
C ARG B 332 -17.99 8.49 16.70
N ILE B 333 -18.78 9.23 15.92
CA ILE B 333 -19.40 8.64 14.76
C ILE B 333 -18.30 8.06 13.87
N LEU B 334 -17.25 8.83 13.61
CA LEU B 334 -16.15 8.39 12.72
C LEU B 334 -15.34 7.23 13.31
N ASP B 335 -15.19 7.21 14.62
CA ASP B 335 -14.55 6.07 15.27
C ASP B 335 -15.35 4.81 15.03
N GLU B 336 -16.66 4.92 15.22
CA GLU B 336 -17.59 3.81 15.07
C GLU B 336 -17.57 3.30 13.64
N GLY B 337 -17.50 4.23 12.69
CA GLY B 337 -17.46 3.87 11.28
C GLY B 337 -16.21 3.10 10.89
N ALA B 338 -15.06 3.55 11.41
CA ALA B 338 -13.79 2.90 11.17
C ALA B 338 -13.72 1.50 11.79
N GLU B 339 -14.33 1.33 12.97
CA GLU B 339 -14.40 0.00 13.59
C GLU B 339 -15.20 -0.95 12.71
N ARG B 340 -16.36 -0.50 12.26
CA ARG B 340 -17.22 -1.35 11.41
C ARG B 340 -16.44 -1.74 10.18
N ALA B 341 -15.87 -0.77 9.48
CA ALA B 341 -15.19 -1.04 8.23
C ALA B 341 -13.96 -1.94 8.41
N ASN B 342 -13.22 -1.77 9.51
CA ASN B 342 -12.07 -2.61 9.78
C ASN B 342 -12.51 -4.07 10.02
N ARG B 343 -13.47 -4.24 10.92
CA ARG B 343 -14.04 -5.57 11.18
C ARG B 343 -14.40 -6.29 9.87
N THR B 344 -15.04 -5.61 8.93
CA THR B 344 -15.41 -6.22 7.64
C THR B 344 -14.25 -6.34 6.65
N ALA B 345 -13.54 -5.23 6.45
CA ALA B 345 -12.37 -5.21 5.56
C ALA B 345 -11.25 -6.19 5.96
N ASN B 346 -11.10 -6.48 7.25
CA ASN B 346 -10.07 -7.41 7.70
C ASN B 346 -10.34 -8.87 7.34
N LYS B 347 -11.62 -9.25 7.36
CA LYS B 347 -12.05 -10.58 6.94
C LYS B 347 -11.76 -10.79 5.46
N MET B 348 -12.13 -9.84 4.62
CA MET B 348 -11.84 -9.97 3.20
C MET B 348 -10.34 -9.93 2.96
N LEU B 349 -9.60 -9.17 3.77
CA LEU B 349 -8.16 -9.10 3.62
C LEU B 349 -7.52 -10.49 3.84
N LYS B 350 -7.83 -11.11 4.98
CA LYS B 350 -7.24 -12.39 5.35
C LYS B 350 -7.43 -13.42 4.27
N LYS B 351 -8.57 -13.35 3.60
CA LYS B 351 -8.87 -14.24 2.51
C LYS B 351 -7.90 -13.95 1.38
N MET B 352 -7.80 -12.67 0.99
CA MET B 352 -6.86 -12.27 -0.04
C MET B 352 -5.47 -12.80 0.33
N GLU B 353 -5.04 -12.52 1.55
CA GLU B 353 -3.74 -12.94 1.97
C GLU B 353 -3.58 -14.47 1.83
N ASN B 354 -4.55 -15.21 2.39
CA ASN B 354 -4.58 -16.67 2.23
C ASN B 354 -4.63 -17.07 0.76
N ALA B 355 -5.36 -16.36 -0.06
CA ALA B 355 -5.42 -16.73 -1.47
C ALA B 355 -4.06 -16.61 -2.14
N MET B 356 -3.26 -15.66 -1.70
CA MET B 356 -1.98 -15.36 -2.33
C MET B 356 -0.84 -16.01 -1.59
N GLY B 357 -0.99 -16.14 -0.25
CA GLY B 357 -0.02 -16.83 0.64
C GLY B 357 0.96 -15.95 1.43
N LEU B 358 0.49 -14.85 2.04
CA LEU B 358 1.35 -13.83 2.67
C LEU B 358 1.78 -14.02 4.16
N GLY B 359 1.18 -14.92 4.91
CA GLY B 359 1.62 -15.02 6.32
C GLY B 359 1.58 -16.43 6.82
N ARG B 360 0.50 -16.79 7.53
CA ARG B 360 0.43 -17.99 8.34
C ARG B 360 -1.01 -18.38 8.79
#